data_7XAE
#
_entry.id   7XAE
#
_cell.length_a   103.079
_cell.length_b   103.079
_cell.length_c   173.710
_cell.angle_alpha   90.000
_cell.angle_beta   90.000
_cell.angle_gamma   90.000
#
_symmetry.space_group_name_H-M   'I 41'
#
loop_
_entity.id
_entity.type
_entity.pdbx_description
1 polymer 'Programmed cell death 1 ligand 1'
2 polymer 2IC6
#
loop_
_entity_poly.entity_id
_entity_poly.type
_entity_poly.pdbx_seq_one_letter_code
_entity_poly.pdbx_strand_id
1 'polypeptide(L)'
;MRIFAVFIFMTYWHLLNAFTVTVPKDLYVVEYGSNMTIECKFPVEKQLDLAALIVYWEMEDKNIIQFVHGEEDLKVQHSS
YRQRARLLKDQLSLGNAALQITDVKLQDAGVYRCMISYGGADYKRITVKVNAPYNKINQRILVVDPVTSEHELTCQAEGY
PKAEVIWTSSDHQVLSGKTTTTNSKREEKLFNVTSTLRINTTTNEIFYCTFRRLDPEENHTAELVIPELPLAHPPNER
;
A,B
2 'polypeptide(L)'
;MASGSHMSTLKEVQDNITLHEQRLVTCRKPLKEIERAVEFVPVPVLKNILQRERACVSALETKLGELKRELADLIAAQKL
AGSGW
;
C,D
#
# COMPACT_ATOMS: atom_id res chain seq x y z
N ALA A 18 -7.29 20.42 -26.42
CA ALA A 18 -6.31 19.34 -26.47
C ALA A 18 -6.18 18.65 -25.11
N PHE A 19 -4.95 18.57 -24.60
CA PHE A 19 -4.66 17.80 -23.39
C PHE A 19 -4.26 18.74 -22.25
N THR A 20 -4.94 18.62 -21.11
CA THR A 20 -4.63 19.41 -19.94
C THR A 20 -4.69 18.52 -18.70
N VAL A 21 -3.80 18.79 -17.75
CA VAL A 21 -3.75 18.09 -16.47
C VAL A 21 -4.30 19.02 -15.39
N THR A 22 -5.29 18.54 -14.66
CA THR A 22 -5.99 19.34 -13.66
C THR A 22 -5.69 18.81 -12.27
N VAL A 23 -5.47 19.73 -11.33
CA VAL A 23 -5.19 19.42 -9.93
C VAL A 23 -6.37 19.88 -9.09
N PRO A 24 -7.18 18.98 -8.54
CA PRO A 24 -8.32 19.41 -7.73
C PRO A 24 -7.95 20.25 -6.51
N LYS A 25 -6.72 20.13 -6.00
CA LYS A 25 -6.26 20.99 -4.91
C LYS A 25 -4.74 21.02 -4.92
N ASP A 26 -4.16 22.20 -5.10
CA ASP A 26 -2.71 22.34 -5.18
C ASP A 26 -2.02 22.00 -3.86
N LEU A 27 -2.74 22.04 -2.75
CA LEU A 27 -2.16 21.83 -1.43
C LEU A 27 -2.88 20.70 -0.70
N TYR A 28 -2.10 19.80 -0.12
CA TYR A 28 -2.60 18.73 0.75
C TYR A 28 -1.93 18.86 2.11
N VAL A 29 -2.74 19.06 3.14
CA VAL A 29 -2.26 19.02 4.52
C VAL A 29 -2.59 17.64 5.08
N VAL A 30 -1.58 16.94 5.58
CA VAL A 30 -1.70 15.54 5.94
C VAL A 30 -1.24 15.37 7.39
N GLU A 31 -1.91 14.50 8.12
CA GLU A 31 -1.53 14.17 9.49
C GLU A 31 -0.48 13.06 9.49
N TYR A 32 0.34 13.05 10.55
CA TYR A 32 1.43 12.10 10.65
C TYR A 32 0.90 10.66 10.74
N GLY A 33 1.62 9.75 10.11
CA GLY A 33 1.26 8.34 10.18
C GLY A 33 -0.10 8.01 9.61
N SER A 34 -0.45 8.62 8.48
CA SER A 34 -1.74 8.43 7.85
C SER A 34 -1.54 8.02 6.40
N ASN A 35 -2.64 7.72 5.72
CA ASN A 35 -2.61 7.49 4.28
C ASN A 35 -2.85 8.80 3.55
N MET A 36 -2.52 8.81 2.26
CA MET A 36 -2.63 10.02 1.46
C MET A 36 -2.80 9.63 -0.01
N THR A 37 -3.77 10.24 -0.68
CA THR A 37 -4.06 9.96 -2.09
C THR A 37 -4.15 11.30 -2.83
N ILE A 38 -3.01 11.77 -3.33
CA ILE A 38 -2.98 12.98 -4.15
C ILE A 38 -3.29 12.61 -5.59
N GLU A 39 -4.11 13.43 -6.24
CA GLU A 39 -4.75 13.06 -7.50
C GLU A 39 -4.35 14.02 -8.61
N CYS A 40 -4.01 13.47 -9.77
CA CYS A 40 -3.83 14.22 -11.00
C CYS A 40 -4.84 13.72 -12.01
N LYS A 41 -5.52 14.65 -12.69
CA LYS A 41 -6.57 14.31 -13.64
C LYS A 41 -6.11 14.59 -15.06
N PHE A 42 -6.79 13.92 -16.03
CA PHE A 42 -6.54 14.11 -17.45
C PHE A 42 -7.71 13.60 -18.29
N PRO A 43 -7.92 14.14 -19.50
CA PRO A 43 -9.12 13.75 -20.27
C PRO A 43 -9.02 12.34 -20.82
N VAL A 44 -10.14 11.62 -20.75
CA VAL A 44 -10.27 10.26 -21.26
C VAL A 44 -11.60 10.15 -22.00
N GLU A 45 -11.63 9.29 -23.02
CA GLU A 45 -12.75 9.21 -23.95
C GLU A 45 -13.24 7.77 -24.05
N LYS A 46 -14.49 7.55 -23.63
CA LYS A 46 -15.08 6.21 -23.49
C LYS A 46 -14.15 5.25 -22.76
N GLN A 47 -13.19 4.66 -23.46
CA GLN A 47 -12.24 3.75 -22.85
C GLN A 47 -10.84 4.37 -22.83
N LEU A 48 -9.90 3.63 -22.26
CA LEU A 48 -8.52 4.08 -22.14
C LEU A 48 -7.64 3.32 -23.13
N ASP A 49 -6.59 3.98 -23.59
CA ASP A 49 -5.56 3.35 -24.42
C ASP A 49 -4.32 3.21 -23.56
N LEU A 50 -4.22 2.08 -22.87
CA LEU A 50 -3.12 1.87 -21.92
C LEU A 50 -1.77 1.91 -22.61
N ALA A 51 -1.70 1.49 -23.87
CA ALA A 51 -0.42 1.48 -24.58
C ALA A 51 0.16 2.87 -24.70
N ALA A 52 -0.68 3.88 -24.96
CA ALA A 52 -0.24 5.24 -25.22
C ALA A 52 -0.19 6.11 -23.98
N LEU A 53 -0.32 5.53 -22.78
CA LEU A 53 -0.33 6.28 -21.55
C LEU A 53 0.98 6.13 -20.79
N ILE A 54 1.49 7.26 -20.27
CA ILE A 54 2.64 7.27 -19.37
C ILE A 54 2.31 8.18 -18.20
N VAL A 55 2.45 7.65 -16.99
CA VAL A 55 2.22 8.39 -15.76
C VAL A 55 3.49 8.35 -14.92
N TYR A 56 3.89 9.50 -14.38
CA TYR A 56 5.14 9.61 -13.67
C TYR A 56 4.99 10.58 -12.51
N TRP A 57 5.27 10.11 -11.29
CA TRP A 57 5.24 10.93 -10.10
C TRP A 57 6.64 11.06 -9.52
N GLU A 58 6.92 12.19 -8.89
CA GLU A 58 8.25 12.49 -8.38
C GLU A 58 8.17 13.61 -7.37
N MET A 59 9.11 13.61 -6.42
CA MET A 59 9.22 14.66 -5.42
C MET A 59 10.69 14.88 -5.10
N GLU A 60 11.15 16.12 -5.26
CA GLU A 60 12.55 16.48 -5.01
C GLU A 60 13.48 15.59 -5.83
N ASP A 61 13.07 15.29 -7.06
CA ASP A 61 13.82 14.45 -7.99
C ASP A 61 14.07 13.04 -7.44
N LYS A 62 13.12 12.53 -6.66
CA LYS A 62 13.09 11.12 -6.28
C LYS A 62 11.97 10.45 -7.06
N ASN A 63 12.33 9.45 -7.86
CA ASN A 63 11.34 8.75 -8.66
C ASN A 63 10.40 7.96 -7.75
N ILE A 64 9.11 8.21 -7.87
CA ILE A 64 8.09 7.55 -7.05
C ILE A 64 7.30 6.55 -7.87
N ILE A 65 6.73 6.99 -8.99
CA ILE A 65 5.93 6.14 -9.87
C ILE A 65 6.40 6.33 -11.30
N GLN A 66 6.56 5.22 -12.03
CA GLN A 66 6.86 5.24 -13.46
C GLN A 66 5.98 4.17 -14.12
N PHE A 67 4.79 4.59 -14.54
CA PHE A 67 3.77 3.69 -15.09
C PHE A 67 3.84 3.74 -16.61
N VAL A 68 4.29 2.66 -17.23
CA VAL A 68 4.43 2.56 -18.68
C VAL A 68 3.91 1.21 -19.13
N HIS A 69 3.14 1.21 -20.23
CA HIS A 69 2.61 -0.02 -20.84
C HIS A 69 1.78 -0.84 -19.86
N GLY A 70 0.99 -0.15 -19.04
CA GLY A 70 0.07 -0.83 -18.15
C GLY A 70 0.69 -1.47 -16.93
N GLU A 71 1.95 -1.15 -16.61
CA GLU A 71 2.60 -1.72 -15.44
C GLU A 71 3.63 -0.74 -14.91
N GLU A 72 3.67 -0.61 -13.58
CA GLU A 72 4.63 0.26 -12.93
C GLU A 72 6.05 -0.29 -13.08
N ASP A 73 7.00 0.59 -13.37
CA ASP A 73 8.38 0.20 -13.59
C ASP A 73 9.11 0.28 -12.25
N LEU A 74 9.27 -0.86 -11.60
CA LEU A 74 9.83 -0.88 -10.24
C LEU A 74 11.32 -0.57 -10.23
N LYS A 75 12.04 -0.99 -11.27
CA LYS A 75 13.50 -0.89 -11.25
C LYS A 75 13.96 0.56 -11.11
N VAL A 76 13.11 1.52 -11.47
CA VAL A 76 13.47 2.93 -11.39
C VAL A 76 12.98 3.57 -10.10
N GLN A 77 11.86 3.09 -9.55
CA GLN A 77 11.28 3.67 -8.36
C GLN A 77 12.32 3.77 -7.26
N HIS A 78 12.38 4.93 -6.60
CA HIS A 78 13.38 5.17 -5.58
C HIS A 78 13.22 4.18 -4.44
N SER A 79 14.35 3.81 -3.84
CA SER A 79 14.35 2.74 -2.84
C SER A 79 13.50 3.09 -1.63
N SER A 80 13.59 4.34 -1.17
CA SER A 80 12.88 4.73 0.05
C SER A 80 11.36 4.75 -0.14
N TYR A 81 10.85 4.37 -1.30
CA TYR A 81 9.42 4.25 -1.51
C TYR A 81 8.97 2.84 -1.86
N ARG A 82 9.86 1.86 -1.86
CA ARG A 82 9.43 0.49 -2.10
C ARG A 82 8.39 0.13 -1.06
N GLN A 83 7.24 -0.35 -1.51
CA GLN A 83 6.16 -0.85 -0.66
C GLN A 83 5.38 0.25 0.04
N ARG A 84 5.67 1.53 -0.18
CA ARG A 84 4.79 2.56 0.37
C ARG A 84 4.13 3.42 -0.70
N ALA A 85 4.69 3.47 -1.90
CA ALA A 85 4.09 4.19 -3.02
C ALA A 85 3.42 3.22 -3.97
N ARG A 86 2.21 3.56 -4.40
CA ARG A 86 1.48 2.74 -5.34
C ARG A 86 0.47 3.61 -6.09
N LEU A 87 0.38 3.39 -7.40
CA LEU A 87 -0.61 4.05 -8.24
C LEU A 87 -1.81 3.14 -8.42
N LEU A 88 -3.01 3.71 -8.39
CA LEU A 88 -4.26 2.96 -8.46
C LEU A 88 -4.68 2.84 -9.92
N LYS A 89 -4.53 1.64 -10.48
CA LYS A 89 -4.84 1.43 -11.90
C LYS A 89 -6.32 1.68 -12.20
N ASP A 90 -7.21 1.22 -11.32
CA ASP A 90 -8.64 1.31 -11.59
C ASP A 90 -9.10 2.75 -11.78
N GLN A 91 -8.42 3.70 -11.14
CA GLN A 91 -8.80 5.11 -11.28
C GLN A 91 -8.43 5.65 -12.67
N LEU A 92 -7.40 5.09 -13.30
CA LEU A 92 -6.92 5.61 -14.58
C LEU A 92 -8.02 5.59 -15.64
N SER A 93 -8.92 4.62 -15.58
CA SER A 93 -10.04 4.57 -16.52
C SER A 93 -10.99 5.76 -16.34
N LEU A 94 -10.92 6.45 -15.21
CA LEU A 94 -11.70 7.66 -14.97
C LEU A 94 -10.89 8.93 -15.17
N GLY A 95 -9.72 8.83 -15.80
CA GLY A 95 -8.86 9.98 -16.00
C GLY A 95 -8.34 10.57 -14.71
N ASN A 96 -7.88 9.70 -13.80
CA ASN A 96 -7.39 10.13 -12.50
C ASN A 96 -6.14 9.32 -12.17
N ALA A 97 -4.99 9.99 -12.16
CA ALA A 97 -3.73 9.37 -11.76
C ALA A 97 -3.55 9.60 -10.27
N ALA A 98 -3.96 8.62 -9.47
CA ALA A 98 -3.98 8.75 -8.01
C ALA A 98 -2.74 8.09 -7.43
N LEU A 99 -1.82 8.92 -6.93
CA LEU A 99 -0.66 8.45 -6.18
C LEU A 99 -1.05 8.28 -4.71
N GLN A 100 -0.73 7.12 -4.14
CA GLN A 100 -1.07 6.81 -2.76
C GLN A 100 0.21 6.49 -1.99
N ILE A 101 0.39 7.17 -0.86
CA ILE A 101 1.50 6.91 0.04
C ILE A 101 0.93 6.44 1.37
N THR A 102 1.61 5.47 1.98
CA THR A 102 1.14 4.84 3.21
C THR A 102 2.05 5.24 4.38
N ASP A 103 1.44 5.50 5.53
CA ASP A 103 2.17 5.88 6.75
C ASP A 103 2.99 7.15 6.52
N VAL A 104 2.28 8.25 6.25
CA VAL A 104 2.95 9.50 5.90
C VAL A 104 3.88 9.95 7.03
N LYS A 105 5.05 10.44 6.65
CA LYS A 105 6.06 10.91 7.57
C LYS A 105 6.36 12.38 7.30
N LEU A 106 7.19 12.97 8.18
CA LEU A 106 7.68 14.33 7.94
C LEU A 106 8.56 14.40 6.70
N GLN A 107 9.27 13.32 6.39
CA GLN A 107 10.14 13.28 5.21
C GLN A 107 9.35 13.31 3.90
N ASP A 108 8.03 13.11 3.96
CA ASP A 108 7.18 13.17 2.77
C ASP A 108 6.70 14.58 2.46
N ALA A 109 7.09 15.58 3.26
CA ALA A 109 6.70 16.95 3.00
C ALA A 109 7.61 17.56 1.91
N GLY A 110 7.01 18.39 1.08
CA GLY A 110 7.74 19.05 0.01
C GLY A 110 6.82 19.35 -1.16
N VAL A 111 7.41 19.35 -2.35
CA VAL A 111 6.71 19.67 -3.59
C VAL A 111 6.73 18.42 -4.47
N TYR A 112 5.55 17.97 -4.89
CA TYR A 112 5.40 16.78 -5.72
C TYR A 112 5.04 17.19 -7.14
N ARG A 113 5.65 16.50 -8.11
CA ARG A 113 5.35 16.71 -9.52
C ARG A 113 4.70 15.46 -10.11
N CYS A 114 3.68 15.67 -10.93
CA CYS A 114 3.06 14.61 -11.70
C CYS A 114 3.17 14.97 -13.17
N MET A 115 3.60 14.01 -13.98
CA MET A 115 3.78 14.21 -15.42
C MET A 115 3.05 13.10 -16.17
N ILE A 116 2.04 13.48 -16.94
CA ILE A 116 1.19 12.55 -17.66
C ILE A 116 1.36 12.78 -19.16
N SER A 117 1.47 11.69 -19.91
CA SER A 117 1.63 11.74 -21.36
C SER A 117 0.56 10.87 -22.00
N TYR A 118 -0.41 11.51 -22.65
CA TYR A 118 -1.55 10.81 -23.24
C TYR A 118 -2.01 11.64 -24.44
N GLY A 119 -1.66 11.20 -25.64
CA GLY A 119 -1.78 12.09 -26.77
C GLY A 119 -0.81 13.23 -26.58
N GLY A 120 -1.31 14.40 -26.21
CA GLY A 120 -0.46 15.47 -25.73
C GLY A 120 0.06 15.18 -24.33
N ALA A 121 0.58 16.19 -23.62
CA ALA A 121 1.12 15.96 -22.30
C ALA A 121 1.14 17.27 -21.52
N ASP A 122 1.30 17.15 -20.20
CA ASP A 122 1.46 18.30 -19.31
C ASP A 122 1.87 17.78 -17.93
N TYR A 123 2.43 18.67 -17.13
CA TYR A 123 2.81 18.37 -15.75
C TYR A 123 2.19 19.39 -14.81
N LYS A 124 2.03 18.99 -13.55
CA LYS A 124 1.51 19.85 -12.51
C LYS A 124 2.21 19.56 -11.19
N ARG A 125 2.27 20.57 -10.33
CA ARG A 125 2.89 20.43 -9.02
C ARG A 125 1.84 20.32 -7.92
N ILE A 126 2.22 19.66 -6.83
CA ILE A 126 1.39 19.55 -5.64
C ILE A 126 2.28 19.71 -4.41
N THR A 127 1.81 20.48 -3.44
CA THR A 127 2.52 20.70 -2.19
C THR A 127 1.92 19.84 -1.10
N VAL A 128 2.78 19.28 -0.24
CA VAL A 128 2.36 18.45 0.89
C VAL A 128 2.99 18.99 2.16
N LYS A 129 2.16 19.23 3.17
CA LYS A 129 2.61 19.60 4.51
C LYS A 129 2.06 18.60 5.51
N VAL A 130 2.90 18.17 6.44
CA VAL A 130 2.58 17.07 7.34
C VAL A 130 2.42 17.61 8.75
N ASN A 131 1.22 17.47 9.30
CA ASN A 131 1.00 17.72 10.71
C ASN A 131 1.67 16.64 11.55
N ALA A 132 2.11 17.04 12.73
CA ALA A 132 2.60 16.12 13.76
C ALA A 132 1.85 16.42 15.05
N PRO A 133 0.58 16.06 15.11
CA PRO A 133 -0.27 16.49 16.22
C PRO A 133 -0.23 15.51 17.39
N TYR A 134 -0.76 15.97 18.51
CA TYR A 134 -0.85 15.15 19.72
C TYR A 134 -2.24 14.52 19.82
N ASN A 135 -2.60 13.76 18.78
CA ASN A 135 -3.91 13.13 18.72
C ASN A 135 -4.02 11.98 19.72
N LYS A 136 -3.02 11.11 19.76
CA LYS A 136 -3.04 9.94 20.61
C LYS A 136 -2.39 10.26 21.95
N ILE A 137 -3.18 10.20 23.01
CA ILE A 137 -2.72 10.53 24.37
C ILE A 137 -2.91 9.31 25.24
N ASN A 138 -1.82 8.82 25.82
CA ASN A 138 -1.84 7.64 26.68
C ASN A 138 -1.93 8.08 28.14
N GLN A 139 -2.89 7.51 28.86
CA GLN A 139 -3.17 7.89 30.24
C GLN A 139 -3.03 6.68 31.16
N ARG A 140 -2.53 6.93 32.36
CA ARG A 140 -2.34 5.90 33.37
C ARG A 140 -2.70 6.47 34.74
N ILE A 141 -3.51 5.73 35.49
CA ILE A 141 -3.94 6.14 36.83
C ILE A 141 -3.50 5.05 37.80
N LEU A 142 -2.71 5.43 38.81
CA LEU A 142 -2.24 4.53 39.83
C LEU A 142 -2.53 5.14 41.20
N VAL A 143 -2.50 4.30 42.23
CA VAL A 143 -2.78 4.72 43.60
C VAL A 143 -1.44 4.78 44.35
N VAL A 144 -0.98 6.00 44.63
CA VAL A 144 0.27 6.18 45.37
C VAL A 144 0.14 5.58 46.76
N ASP A 145 -0.81 6.09 47.54
CA ASP A 145 -1.13 5.55 48.86
C ASP A 145 -2.64 5.38 48.95
N PRO A 146 -3.15 4.16 49.07
CA PRO A 146 -4.60 3.99 49.24
C PRO A 146 -5.13 4.59 50.53
N VAL A 147 -4.26 4.86 51.50
CA VAL A 147 -4.70 5.47 52.75
C VAL A 147 -5.10 6.92 52.53
N THR A 148 -4.16 7.75 52.07
CA THR A 148 -4.43 9.14 51.76
C THR A 148 -5.21 9.34 50.48
N SER A 149 -5.44 8.26 49.71
CA SER A 149 -6.14 8.29 48.44
C SER A 149 -5.40 9.12 47.39
N GLU A 150 -4.12 9.37 47.60
CA GLU A 150 -3.31 10.03 46.59
C GLU A 150 -3.14 9.13 45.38
N HIS A 151 -3.28 9.72 44.20
CA HIS A 151 -3.14 9.00 42.94
C HIS A 151 -1.96 9.58 42.16
N GLU A 152 -1.55 8.85 41.12
CA GLU A 152 -0.58 9.34 40.15
C GLU A 152 -1.21 9.26 38.77
N LEU A 153 -1.58 10.42 38.23
CA LEU A 153 -2.13 10.51 36.89
C LEU A 153 -1.02 10.85 35.90
N THR A 154 -1.08 10.24 34.72
CA THR A 154 -0.04 10.42 33.72
C THR A 154 -0.69 10.61 32.35
N CYS A 155 -0.09 11.49 31.54
CA CYS A 155 -0.47 11.66 30.14
C CYS A 155 0.79 11.80 29.30
N GLN A 156 0.77 11.19 28.12
CA GLN A 156 1.90 11.30 27.21
C GLN A 156 1.41 11.17 25.78
N ALA A 157 2.12 11.85 24.88
CA ALA A 157 1.76 11.87 23.46
C ALA A 157 3.00 12.20 22.65
N GLU A 158 2.94 11.93 21.36
CA GLU A 158 4.03 12.21 20.43
C GLU A 158 3.57 13.22 19.39
N GLY A 159 4.37 14.26 19.19
CA GLY A 159 4.03 15.29 18.23
C GLY A 159 5.21 16.18 17.94
N TYR A 160 4.95 17.22 17.15
CA TYR A 160 5.97 18.17 16.73
C TYR A 160 5.28 19.45 16.29
N PRO A 161 5.75 20.63 16.75
CA PRO A 161 6.88 20.80 17.68
C PRO A 161 6.53 20.53 19.15
N LYS A 162 7.36 21.04 20.04
CA LYS A 162 7.24 20.78 21.47
C LYS A 162 5.94 21.36 22.02
N ALA A 163 5.41 20.70 23.05
CA ALA A 163 4.14 21.09 23.66
C ALA A 163 4.27 21.08 25.18
N GLU A 164 3.35 21.78 25.83
CA GLU A 164 3.23 21.79 27.28
C GLU A 164 1.88 21.21 27.67
N VAL A 165 1.79 20.71 28.89
CA VAL A 165 0.59 20.05 29.40
C VAL A 165 0.00 20.87 30.53
N ILE A 166 -1.29 21.18 30.42
CA ILE A 166 -2.02 21.95 31.41
C ILE A 166 -3.05 21.02 32.05
N TRP A 167 -2.84 20.68 33.32
CA TRP A 167 -3.76 19.82 34.06
C TRP A 167 -4.90 20.68 34.60
N THR A 168 -6.11 20.45 34.09
CA THR A 168 -7.29 21.17 34.53
C THR A 168 -8.29 20.19 35.12
N SER A 169 -9.01 20.63 36.15
CA SER A 169 -9.99 19.80 36.83
C SER A 169 -11.29 19.74 36.04
N SER A 170 -12.27 19.04 36.59
CA SER A 170 -13.63 19.12 36.07
C SER A 170 -14.25 20.49 36.32
N ASP A 171 -13.67 21.28 37.22
CA ASP A 171 -14.09 22.65 37.47
C ASP A 171 -13.25 23.66 36.70
N HIS A 172 -12.54 23.21 35.67
CA HIS A 172 -11.79 24.08 34.77
C HIS A 172 -10.76 24.93 35.51
N GLN A 173 -10.08 24.31 36.48
CA GLN A 173 -9.11 25.00 37.31
C GLN A 173 -7.75 24.32 37.19
N VAL A 174 -6.70 25.14 37.17
CA VAL A 174 -5.37 24.67 36.80
C VAL A 174 -4.70 24.01 38.00
N LEU A 175 -4.19 22.80 37.79
CA LEU A 175 -3.35 22.11 38.76
C LEU A 175 -1.95 21.95 38.23
N SER A 176 -0.98 21.88 39.15
CA SER A 176 0.42 21.84 38.78
C SER A 176 0.89 20.41 38.60
N GLY A 177 1.73 20.22 37.58
CA GLY A 177 2.38 18.95 37.32
C GLY A 177 3.72 19.22 36.66
N LYS A 178 4.47 18.15 36.42
CA LYS A 178 5.79 18.25 35.81
C LYS A 178 5.74 17.65 34.41
N THR A 179 6.45 18.28 33.47
CA THR A 179 6.43 17.91 32.07
C THR A 179 7.84 17.54 31.62
N THR A 180 8.05 16.25 31.33
CA THR A 180 9.30 15.77 30.77
C THR A 180 9.14 15.64 29.27
N THR A 181 10.05 16.26 28.51
CA THR A 181 9.92 16.37 27.06
C THR A 181 11.21 15.84 26.42
N THR A 182 11.10 14.72 25.73
CA THR A 182 12.23 14.06 25.09
C THR A 182 11.93 13.88 23.60
N ASN A 183 12.82 13.15 22.91
CA ASN A 183 12.66 12.83 21.51
C ASN A 183 12.15 11.41 21.34
N SER A 184 11.44 11.17 20.25
CA SER A 184 10.87 9.87 19.98
C SER A 184 11.95 8.87 19.58
N LYS A 185 11.65 7.58 19.78
CA LYS A 185 12.49 6.48 19.34
C LYS A 185 11.93 5.77 18.11
N ARG A 186 10.61 5.52 18.08
CA ARG A 186 10.00 4.88 16.94
C ARG A 186 10.17 5.73 15.67
N GLU A 187 10.11 7.05 15.83
CA GLU A 187 10.30 8.00 14.74
C GLU A 187 11.44 8.96 15.10
N GLU A 188 11.66 9.96 14.24
CA GLU A 188 12.95 10.68 14.24
C GLU A 188 12.99 11.88 15.17
N LYS A 189 12.17 12.89 14.89
CA LYS A 189 12.24 14.16 15.60
C LYS A 189 10.99 14.45 16.43
N LEU A 190 10.01 13.55 16.40
CA LEU A 190 8.80 13.72 17.19
C LEU A 190 9.15 13.88 18.66
N PHE A 191 8.61 14.92 19.29
CA PHE A 191 8.83 15.14 20.71
C PHE A 191 7.85 14.28 21.52
N ASN A 192 8.39 13.54 22.48
CA ASN A 192 7.56 12.75 23.40
C ASN A 192 7.38 13.58 24.67
N VAL A 193 6.16 14.09 24.85
CA VAL A 193 5.83 14.93 25.99
C VAL A 193 5.08 14.07 27.01
N THR A 194 5.57 14.06 28.25
CA THR A 194 4.97 13.29 29.32
C THR A 194 4.75 14.19 30.53
N SER A 195 3.55 14.16 31.09
CA SER A 195 3.21 14.93 32.27
C SER A 195 2.58 14.02 33.31
N THR A 196 2.83 14.33 34.58
CA THR A 196 2.37 13.51 35.69
C THR A 196 1.67 14.36 36.73
N LEU A 197 0.53 13.88 37.22
CA LEU A 197 -0.20 14.48 38.33
C LEU A 197 -0.18 13.55 39.52
N ARG A 198 0.08 14.11 40.70
CA ARG A 198 0.05 13.35 41.96
C ARG A 198 -0.76 14.17 42.96
N ILE A 199 -2.07 13.95 42.97
CA ILE A 199 -3.02 14.75 43.74
C ILE A 199 -3.93 13.81 44.52
N ASN A 200 -4.17 14.14 45.78
CA ASN A 200 -5.13 13.38 46.60
C ASN A 200 -6.52 13.58 46.03
N THR A 201 -7.17 12.49 45.62
CA THR A 201 -8.46 12.56 44.96
C THR A 201 -9.25 11.29 45.26
N THR A 202 -10.55 11.36 45.01
CA THR A 202 -11.48 10.28 45.34
C THR A 202 -12.03 9.65 44.07
N THR A 203 -12.84 8.61 44.27
CA THR A 203 -13.45 7.88 43.16
C THR A 203 -14.41 8.78 42.38
N ASN A 204 -14.47 8.55 41.07
CA ASN A 204 -15.36 9.22 40.12
C ASN A 204 -14.98 10.66 39.84
N GLU A 205 -13.83 11.11 40.32
CA GLU A 205 -13.39 12.48 40.08
C GLU A 205 -12.73 12.58 38.70
N ILE A 206 -13.13 13.59 37.94
CA ILE A 206 -12.71 13.75 36.55
C ILE A 206 -11.57 14.76 36.48
N PHE A 207 -10.59 14.49 35.63
CA PHE A 207 -9.47 15.40 35.39
C PHE A 207 -9.21 15.48 33.89
N TYR A 208 -8.42 16.48 33.50
CA TYR A 208 -8.10 16.69 32.09
C TYR A 208 -6.62 17.04 31.96
N CYS A 209 -5.99 16.53 30.90
CA CYS A 209 -4.62 16.89 30.55
C CYS A 209 -4.62 17.45 29.12
N THR A 210 -4.27 18.72 29.00
CA THR A 210 -4.32 19.44 27.73
C THR A 210 -2.93 19.52 27.11
N PHE A 211 -2.84 19.28 25.80
CA PHE A 211 -1.58 19.35 25.07
C PHE A 211 -1.61 20.60 24.19
N ARG A 212 -1.05 21.68 24.71
CA ARG A 212 -0.96 22.94 23.97
C ARG A 212 0.40 23.02 23.29
N ARG A 213 0.39 23.14 21.96
CA ARG A 213 1.60 23.37 21.18
C ARG A 213 1.35 24.52 20.22
N LEU A 214 2.45 25.05 19.69
CA LEU A 214 2.39 26.20 18.80
C LEU A 214 2.73 25.80 17.38
N ASP A 215 2.47 26.71 16.45
CA ASP A 215 2.72 26.56 15.02
C ASP A 215 2.00 25.35 14.43
N PRO A 216 0.66 25.36 14.32
CA PRO A 216 -0.25 26.38 14.83
C PRO A 216 -0.87 25.99 16.17
N GLU A 217 -1.74 26.84 16.71
CA GLU A 217 -2.28 26.65 18.07
C GLU A 217 -3.21 25.44 18.08
N GLU A 218 -2.72 24.32 18.63
CA GLU A 218 -3.49 23.09 18.74
C GLU A 218 -3.65 22.72 20.21
N ASN A 219 -4.89 22.52 20.63
CA ASN A 219 -5.20 22.05 21.98
C ASN A 219 -5.83 20.67 21.88
N HIS A 220 -5.24 19.70 22.57
CA HIS A 220 -5.76 18.34 22.61
C HIS A 220 -5.78 17.87 24.06
N THR A 221 -6.94 17.38 24.50
CA THR A 221 -7.18 17.08 25.91
C THR A 221 -7.73 15.68 26.05
N ALA A 222 -7.17 14.91 26.97
CA ALA A 222 -7.68 13.62 27.36
C ALA A 222 -8.40 13.73 28.71
N GLU A 223 -9.30 12.77 28.97
CA GLU A 223 -10.11 12.76 30.17
C GLU A 223 -9.77 11.54 31.01
N LEU A 224 -9.35 11.77 32.24
CA LEU A 224 -9.02 10.70 33.19
C LEU A 224 -10.03 10.73 34.33
N VAL A 225 -10.71 9.61 34.55
CA VAL A 225 -11.69 9.47 35.62
C VAL A 225 -11.13 8.50 36.65
N ILE A 226 -11.17 8.89 37.91
CA ILE A 226 -10.65 8.02 38.98
C ILE A 226 -11.59 6.82 39.15
N PRO A 227 -11.10 5.61 39.06
CA PRO A 227 -11.93 4.43 39.31
C PRO A 227 -12.11 4.21 40.80
N GLU A 228 -12.80 3.11 41.13
CA GLU A 228 -13.02 2.73 42.52
C GLU A 228 -11.92 1.79 43.00
N LEU A 229 -12.04 1.38 44.26
CA LEU A 229 -11.08 0.52 44.98
C LEU A 229 -9.65 0.55 44.43
N ALA B 18 14.31 -27.74 13.92
CA ALA B 18 14.11 -27.55 12.48
C ALA B 18 13.40 -26.23 12.20
N PHE B 19 12.33 -26.28 11.39
CA PHE B 19 11.67 -25.08 10.89
C PHE B 19 10.25 -25.00 11.41
N THR B 20 9.96 -23.94 12.17
CA THR B 20 8.63 -23.68 12.71
C THR B 20 8.20 -22.25 12.38
N VAL B 21 6.90 -22.06 12.20
CA VAL B 21 6.31 -20.75 11.95
C VAL B 21 5.56 -20.32 13.18
N THR B 22 5.83 -19.10 13.64
CA THR B 22 5.27 -18.56 14.88
C THR B 22 4.33 -17.42 14.57
N VAL B 23 3.22 -17.37 15.29
CA VAL B 23 2.20 -16.33 15.15
C VAL B 23 2.18 -15.53 16.45
N PRO B 24 2.64 -14.28 16.46
CA PRO B 24 2.61 -13.49 17.69
C PRO B 24 1.22 -13.28 18.28
N LYS B 25 0.16 -13.38 17.48
CA LYS B 25 -1.19 -13.31 18.02
C LYS B 25 -2.14 -13.96 17.02
N ASP B 26 -2.84 -15.01 17.45
CA ASP B 26 -3.75 -15.74 16.55
C ASP B 26 -4.92 -14.89 16.11
N LEU B 27 -5.26 -13.83 16.85
CA LEU B 27 -6.44 -13.02 16.58
C LEU B 27 -6.04 -11.56 16.41
N TYR B 28 -6.53 -10.93 15.34
CA TYR B 28 -6.38 -9.51 15.12
C TYR B 28 -7.76 -8.88 15.01
N VAL B 29 -8.07 -7.96 15.92
CA VAL B 29 -9.27 -7.13 15.84
C VAL B 29 -8.87 -5.80 15.21
N VAL B 30 -9.56 -5.42 14.13
CA VAL B 30 -9.19 -4.28 13.32
C VAL B 30 -10.40 -3.37 13.18
N GLU B 31 -10.17 -2.06 13.19
CA GLU B 31 -11.23 -1.10 12.95
C GLU B 31 -11.41 -0.85 11.45
N TYR B 32 -12.60 -0.37 11.10
CA TYR B 32 -12.95 -0.14 9.70
C TYR B 32 -12.08 0.96 9.11
N GLY B 33 -11.73 0.79 7.83
CA GLY B 33 -10.98 1.81 7.12
C GLY B 33 -9.63 2.12 7.73
N SER B 34 -8.89 1.09 8.14
CA SER B 34 -7.60 1.26 8.78
C SER B 34 -6.58 0.35 8.12
N ASN B 35 -5.31 0.61 8.40
CA ASN B 35 -4.23 -0.25 7.93
C ASN B 35 -4.02 -1.41 8.90
N MET B 36 -3.58 -2.54 8.35
CA MET B 36 -3.42 -3.77 9.11
C MET B 36 -2.14 -4.47 8.68
N THR B 37 -1.40 -4.99 9.66
CA THR B 37 -0.14 -5.70 9.40
C THR B 37 -0.11 -6.94 10.27
N ILE B 38 -0.59 -8.06 9.71
CA ILE B 38 -0.53 -9.35 10.39
C ILE B 38 0.78 -10.03 10.04
N GLU B 39 1.39 -10.68 11.03
CA GLU B 39 2.78 -11.11 10.96
C GLU B 39 2.89 -12.62 11.11
N CYS B 40 3.73 -13.22 10.26
CA CYS B 40 4.17 -14.60 10.40
C CYS B 40 5.69 -14.61 10.53
N LYS B 41 6.20 -15.38 11.48
CA LYS B 41 7.63 -15.43 11.75
C LYS B 41 8.21 -16.78 11.35
N PHE B 42 9.54 -16.80 11.16
CA PHE B 42 10.28 -18.01 10.83
C PHE B 42 11.78 -17.84 11.10
N PRO B 43 12.51 -18.92 11.37
CA PRO B 43 13.93 -18.76 11.74
C PRO B 43 14.80 -18.35 10.57
N VAL B 44 15.75 -17.45 10.83
CA VAL B 44 16.72 -16.98 9.84
C VAL B 44 18.09 -16.95 10.51
N GLU B 45 19.15 -17.09 9.71
CA GLU B 45 20.51 -17.30 10.18
C GLU B 45 21.44 -16.28 9.55
N LYS B 46 21.93 -15.34 10.35
CA LYS B 46 22.75 -14.21 9.90
C LYS B 46 22.10 -13.48 8.72
N GLN B 47 22.22 -14.03 7.51
CA GLN B 47 21.60 -13.45 6.33
C GLN B 47 20.42 -14.32 5.88
N LEU B 48 19.83 -13.93 4.77
CA LEU B 48 18.69 -14.63 4.21
C LEU B 48 19.06 -15.22 2.86
N ASP B 49 18.48 -16.38 2.55
CA ASP B 49 18.63 -17.02 1.24
C ASP B 49 17.33 -16.80 0.49
N LEU B 50 17.27 -15.69 -0.26
CA LEU B 50 16.06 -15.33 -0.98
C LEU B 50 15.69 -16.37 -2.03
N ALA B 51 16.70 -17.04 -2.61
CA ALA B 51 16.42 -18.05 -3.62
C ALA B 51 15.58 -19.19 -3.07
N ALA B 52 15.88 -19.63 -1.84
CA ALA B 52 15.24 -20.79 -1.24
C ALA B 52 14.02 -20.42 -0.38
N LEU B 53 13.48 -19.21 -0.53
CA LEU B 53 12.34 -18.77 0.27
C LEU B 53 11.09 -18.65 -0.58
N ILE B 54 9.98 -19.14 -0.04
CA ILE B 54 8.65 -18.96 -0.62
C ILE B 54 7.69 -18.53 0.49
N VAL B 55 6.99 -17.43 0.27
CA VAL B 55 5.99 -16.91 1.19
C VAL B 55 4.67 -16.81 0.47
N TYR B 56 3.59 -17.26 1.11
CA TYR B 56 2.29 -17.32 0.48
C TYR B 56 1.22 -17.01 1.51
N TRP B 57 0.40 -15.99 1.23
CA TRP B 57 -0.73 -15.61 2.07
C TRP B 57 -2.03 -15.83 1.31
N GLU B 58 -3.09 -16.14 2.07
CA GLU B 58 -4.37 -16.48 1.47
C GLU B 58 -5.46 -16.41 2.53
N MET B 59 -6.68 -16.09 2.10
CA MET B 59 -7.84 -16.04 2.97
C MET B 59 -9.05 -16.58 2.21
N GLU B 60 -9.68 -17.62 2.74
CA GLU B 60 -10.84 -18.24 2.11
C GLU B 60 -10.55 -18.63 0.67
N ASP B 61 -9.36 -19.17 0.44
CA ASP B 61 -8.91 -19.62 -0.87
C ASP B 61 -8.90 -18.47 -1.89
N LYS B 62 -8.51 -17.29 -1.43
CA LYS B 62 -8.21 -16.16 -2.31
C LYS B 62 -6.72 -15.86 -2.20
N ASN B 63 -6.01 -15.97 -3.32
CA ASN B 63 -4.57 -15.75 -3.33
C ASN B 63 -4.29 -14.26 -3.06
N ILE B 64 -3.49 -14.00 -2.03
CA ILE B 64 -3.14 -12.64 -1.64
C ILE B 64 -1.69 -12.32 -1.96
N ILE B 65 -0.77 -13.23 -1.65
CA ILE B 65 0.66 -12.97 -1.77
C ILE B 65 1.33 -14.25 -2.24
N GLN B 66 2.18 -14.15 -3.26
CA GLN B 66 2.91 -15.31 -3.78
C GLN B 66 4.38 -14.98 -4.01
N PHE B 67 5.03 -14.45 -2.97
CA PHE B 67 6.44 -14.10 -3.01
C PHE B 67 7.33 -15.30 -3.35
N VAL B 68 7.95 -15.28 -4.53
CA VAL B 68 8.88 -16.33 -4.97
C VAL B 68 10.05 -15.67 -5.68
N HIS B 69 11.27 -16.16 -5.39
CA HIS B 69 12.49 -15.65 -6.03
C HIS B 69 12.68 -14.15 -5.82
N GLY B 70 12.38 -13.69 -4.61
CA GLY B 70 12.62 -12.29 -4.27
C GLY B 70 11.65 -11.30 -4.86
N GLU B 71 10.57 -11.76 -5.49
CA GLU B 71 9.60 -10.85 -6.07
C GLU B 71 8.21 -11.48 -6.03
N GLU B 72 7.21 -10.66 -5.70
CA GLU B 72 5.84 -11.12 -5.65
C GLU B 72 5.36 -11.50 -7.05
N ASP B 73 4.58 -12.57 -7.13
CA ASP B 73 4.03 -13.04 -8.40
C ASP B 73 2.63 -12.44 -8.53
N LEU B 74 2.52 -11.34 -9.29
CA LEU B 74 1.27 -10.61 -9.39
C LEU B 74 0.21 -11.38 -10.17
N LYS B 75 0.62 -12.12 -11.20
CA LYS B 75 -0.32 -12.78 -12.10
C LYS B 75 -1.25 -13.75 -11.37
N VAL B 76 -0.82 -14.25 -10.21
CA VAL B 76 -1.65 -15.17 -9.44
C VAL B 76 -2.50 -14.44 -8.40
N GLN B 77 -2.03 -13.30 -7.91
CA GLN B 77 -2.73 -12.57 -6.85
C GLN B 77 -4.16 -12.27 -7.24
N HIS B 78 -5.08 -12.51 -6.31
CA HIS B 78 -6.50 -12.32 -6.60
C HIS B 78 -6.79 -10.87 -6.94
N SER B 79 -7.77 -10.67 -7.83
CA SER B 79 -8.02 -9.34 -8.38
C SER B 79 -8.44 -8.36 -7.30
N SER B 80 -9.27 -8.79 -6.35
CA SER B 80 -9.79 -7.89 -5.33
C SER B 80 -8.73 -7.43 -4.32
N TYR B 81 -7.44 -7.74 -4.53
CA TYR B 81 -6.38 -7.28 -3.67
C TYR B 81 -5.27 -6.54 -4.41
N ARG B 82 -5.38 -6.39 -5.74
CA ARG B 82 -4.30 -5.96 -6.61
C ARG B 82 -3.48 -4.82 -6.02
N GLN B 83 -4.15 -3.87 -5.35
CA GLN B 83 -3.51 -2.63 -4.95
C GLN B 83 -3.45 -2.44 -3.44
N ARG B 84 -4.21 -3.22 -2.67
CA ARG B 84 -4.19 -3.11 -1.21
C ARG B 84 -3.15 -4.01 -0.57
N ALA B 85 -2.91 -5.18 -1.15
CA ALA B 85 -2.08 -6.19 -0.50
C ALA B 85 -0.61 -5.94 -0.82
N ARG B 86 0.19 -5.81 0.24
CA ARG B 86 1.63 -5.76 0.13
C ARG B 86 2.22 -6.76 1.12
N LEU B 87 3.43 -7.24 0.82
CA LEU B 87 4.21 -8.01 1.78
C LEU B 87 5.53 -7.27 2.01
N LEU B 88 5.66 -6.65 3.18
CA LEU B 88 6.81 -5.81 3.46
C LEU B 88 8.09 -6.64 3.44
N LYS B 89 8.91 -6.41 2.42
CA LYS B 89 10.07 -7.24 2.15
C LYS B 89 11.30 -6.82 2.93
N ASP B 90 11.29 -5.63 3.53
CA ASP B 90 12.37 -5.25 4.45
C ASP B 90 12.38 -6.15 5.67
N GLN B 91 11.21 -6.65 6.07
CA GLN B 91 11.08 -7.44 7.29
C GLN B 91 11.61 -8.86 7.12
N LEU B 92 11.62 -9.38 5.89
CA LEU B 92 11.97 -10.78 5.66
C LEU B 92 13.36 -11.11 6.19
N SER B 93 14.28 -10.14 6.18
CA SER B 93 15.61 -10.37 6.73
C SER B 93 15.57 -10.64 8.23
N LEU B 94 14.52 -10.20 8.91
CA LEU B 94 14.35 -10.43 10.35
C LEU B 94 13.46 -11.64 10.63
N GLY B 95 13.22 -12.49 9.64
CA GLY B 95 12.35 -13.63 9.82
C GLY B 95 10.91 -13.26 10.12
N ASN B 96 10.38 -12.26 9.42
CA ASN B 96 9.02 -11.79 9.63
C ASN B 96 8.36 -11.63 8.27
N ALA B 97 7.35 -12.46 7.99
CA ALA B 97 6.58 -12.36 6.76
C ALA B 97 5.36 -11.49 7.05
N ALA B 98 5.49 -10.19 6.80
CA ALA B 98 4.45 -9.23 7.13
C ALA B 98 3.51 -9.03 5.94
N LEU B 99 2.21 -9.10 6.21
CA LEU B 99 1.17 -8.84 5.21
C LEU B 99 0.42 -7.59 5.61
N GLN B 100 0.36 -6.62 4.68
CA GLN B 100 -0.22 -5.31 4.96
C GLN B 100 -1.37 -5.06 3.99
N ILE B 101 -2.59 -5.06 4.51
CA ILE B 101 -3.77 -4.63 3.78
C ILE B 101 -4.11 -3.21 4.22
N THR B 102 -4.48 -2.37 3.26
CA THR B 102 -4.80 -0.97 3.51
C THR B 102 -6.28 -0.73 3.31
N ASP B 103 -6.85 0.14 4.14
CA ASP B 103 -8.27 0.50 4.09
C ASP B 103 -9.14 -0.72 4.36
N VAL B 104 -8.93 -1.32 5.53
CA VAL B 104 -9.60 -2.58 5.87
C VAL B 104 -11.11 -2.44 5.79
N LYS B 105 -11.77 -3.45 5.22
CA LYS B 105 -13.21 -3.49 5.05
C LYS B 105 -13.81 -4.64 5.83
N LEU B 106 -15.15 -4.69 5.84
CA LEU B 106 -15.86 -5.82 6.45
C LEU B 106 -15.65 -7.12 5.67
N GLN B 107 -15.38 -7.01 4.37
CA GLN B 107 -15.13 -8.20 3.55
C GLN B 107 -13.80 -8.86 3.85
N ASP B 108 -12.91 -8.18 4.57
CA ASP B 108 -11.61 -8.73 4.91
C ASP B 108 -11.63 -9.57 6.18
N ALA B 109 -12.76 -9.67 6.86
CA ALA B 109 -12.87 -10.50 8.05
C ALA B 109 -12.93 -11.98 7.64
N GLY B 110 -12.37 -12.81 8.49
CA GLY B 110 -12.37 -14.25 8.25
C GLY B 110 -11.11 -14.89 8.82
N VAL B 111 -10.66 -15.94 8.14
CA VAL B 111 -9.50 -16.72 8.55
C VAL B 111 -8.44 -16.63 7.47
N TYR B 112 -7.23 -16.23 7.86
CA TYR B 112 -6.11 -16.08 6.95
C TYR B 112 -5.09 -17.18 7.21
N ARG B 113 -4.44 -17.64 6.15
CA ARG B 113 -3.47 -18.72 6.25
C ARG B 113 -2.18 -18.29 5.58
N CYS B 114 -1.07 -18.36 6.32
CA CYS B 114 0.25 -18.06 5.81
C CYS B 114 1.04 -19.35 5.67
N MET B 115 1.69 -19.53 4.54
CA MET B 115 2.50 -20.72 4.26
C MET B 115 3.90 -20.28 3.85
N ILE B 116 4.89 -20.67 4.65
CA ILE B 116 6.27 -20.27 4.43
C ILE B 116 7.11 -21.51 4.19
N SER B 117 7.96 -21.46 3.16
CA SER B 117 8.83 -22.57 2.81
C SER B 117 10.28 -22.07 2.81
N TYR B 118 11.07 -22.57 3.76
CA TYR B 118 12.46 -22.13 3.91
C TYR B 118 13.21 -23.27 4.59
N GLY B 119 14.00 -24.01 3.82
CA GLY B 119 14.49 -25.28 4.33
C GLY B 119 13.31 -26.20 4.50
N GLY B 120 12.86 -26.40 5.74
CA GLY B 120 11.59 -27.05 6.00
C GLY B 120 10.43 -26.10 5.71
N ALA B 121 9.22 -26.42 6.19
CA ALA B 121 8.08 -25.55 5.94
C ALA B 121 7.01 -25.79 6.99
N ASP B 122 6.06 -24.86 7.07
CA ASP B 122 4.91 -24.97 7.95
C ASP B 122 3.94 -23.84 7.63
N TYR B 123 2.69 -24.02 8.02
CA TYR B 123 1.64 -23.02 7.85
C TYR B 123 1.00 -22.73 9.20
N LYS B 124 0.43 -21.54 9.32
CA LYS B 124 -0.28 -21.11 10.52
C LYS B 124 -1.46 -20.23 10.11
N ARG B 125 -2.54 -20.30 10.88
CA ARG B 125 -3.75 -19.54 10.62
C ARG B 125 -3.79 -18.25 11.45
N ILE B 126 -4.53 -17.27 10.95
CA ILE B 126 -4.79 -16.03 11.66
C ILE B 126 -6.24 -15.63 11.42
N THR B 127 -6.93 -15.21 12.47
CA THR B 127 -8.30 -14.74 12.40
C THR B 127 -8.33 -13.21 12.45
N VAL B 128 -9.16 -12.61 11.60
CA VAL B 128 -9.33 -11.17 11.55
C VAL B 128 -10.81 -10.84 11.72
N LYS B 129 -11.10 -9.96 12.68
CA LYS B 129 -12.44 -9.42 12.87
C LYS B 129 -12.38 -7.91 12.74
N VAL B 130 -13.38 -7.33 12.09
CA VAL B 130 -13.37 -5.92 11.72
C VAL B 130 -14.44 -5.19 12.52
N ASN B 131 -14.00 -4.24 13.34
CA ASN B 131 -14.92 -3.31 13.97
C ASN B 131 -15.49 -2.34 12.93
N ALA B 132 -16.72 -1.91 13.17
CA ALA B 132 -17.36 -0.84 12.40
C ALA B 132 -17.88 0.18 13.40
N PRO B 133 -16.99 0.92 14.05
CA PRO B 133 -17.39 1.78 15.16
C PRO B 133 -17.78 3.18 14.69
N TYR B 134 -18.43 3.90 15.61
CA TYR B 134 -18.87 5.27 15.34
C TYR B 134 -17.83 6.27 15.86
N ASN B 135 -16.61 6.12 15.35
CA ASN B 135 -15.52 6.99 15.78
C ASN B 135 -15.71 8.41 15.25
N LYS B 136 -15.93 8.56 13.95
CA LYS B 136 -16.05 9.87 13.33
C LYS B 136 -17.49 10.34 13.42
N ILE B 137 -17.72 11.43 14.13
CA ILE B 137 -19.05 12.00 14.32
C ILE B 137 -19.04 13.42 13.78
N ASN B 138 -19.91 13.69 12.81
CA ASN B 138 -20.00 15.00 12.17
C ASN B 138 -21.12 15.80 12.79
N GLN B 139 -20.81 17.02 13.20
CA GLN B 139 -21.75 17.88 13.92
C GLN B 139 -21.99 19.17 13.16
N ARG B 140 -23.23 19.67 13.24
CA ARG B 140 -23.61 20.92 12.61
C ARG B 140 -24.51 21.70 13.56
N ILE B 141 -24.21 22.99 13.72
CA ILE B 141 -25.00 23.88 14.57
C ILE B 141 -25.47 25.03 13.71
N LEU B 142 -26.79 25.22 13.62
CA LEU B 142 -27.40 26.32 12.89
C LEU B 142 -28.35 27.05 13.83
N VAL B 143 -28.87 28.18 13.34
CA VAL B 143 -29.82 28.99 14.09
C VAL B 143 -31.16 28.92 13.37
N VAL B 144 -32.14 28.30 14.01
CA VAL B 144 -33.49 28.25 13.43
C VAL B 144 -34.12 29.63 13.38
N ASP B 145 -34.26 30.25 14.56
CA ASP B 145 -34.72 31.62 14.67
C ASP B 145 -33.75 32.36 15.58
N PRO B 146 -33.03 33.38 15.09
CA PRO B 146 -32.18 34.17 15.99
C PRO B 146 -32.97 34.94 17.03
N VAL B 147 -34.29 35.12 16.83
CA VAL B 147 -35.12 35.82 17.81
C VAL B 147 -35.29 34.96 19.06
N THR B 148 -35.87 33.77 18.91
CA THR B 148 -36.06 32.86 20.02
C THR B 148 -34.78 32.16 20.45
N SER B 149 -33.69 32.36 19.70
CA SER B 149 -32.39 31.71 19.94
C SER B 149 -32.45 30.20 19.78
N GLU B 150 -33.48 29.70 19.10
CA GLU B 150 -33.57 28.27 18.82
C GLU B 150 -32.47 27.87 17.84
N HIS B 151 -31.86 26.71 18.09
CA HIS B 151 -30.82 26.16 17.23
C HIS B 151 -31.26 24.80 16.72
N GLU B 152 -30.55 24.31 15.70
CA GLU B 152 -30.74 22.95 15.18
C GLU B 152 -29.38 22.25 15.23
N LEU B 153 -29.17 21.47 16.28
CA LEU B 153 -27.96 20.67 16.40
C LEU B 153 -28.11 19.36 15.64
N THR B 154 -27.01 18.87 15.09
CA THR B 154 -27.01 17.65 14.30
C THR B 154 -25.78 16.82 14.60
N CYS B 155 -25.94 15.50 14.61
CA CYS B 155 -24.82 14.56 14.72
C CYS B 155 -25.08 13.39 13.79
N GLN B 156 -24.04 12.95 13.09
CA GLN B 156 -24.16 11.79 12.22
C GLN B 156 -22.85 11.02 12.20
N ALA B 157 -22.94 9.71 12.01
CA ALA B 157 -21.78 8.84 11.98
C ALA B 157 -22.13 7.57 11.21
N GLU B 158 -21.10 6.88 10.76
CA GLU B 158 -21.25 5.62 10.03
C GLU B 158 -20.68 4.49 10.86
N GLY B 159 -21.44 3.40 10.98
CA GLY B 159 -20.99 2.26 11.77
C GLY B 159 -21.87 1.07 11.52
N TYR B 160 -21.59 0.01 12.28
CA TYR B 160 -22.30 -1.26 12.17
C TYR B 160 -22.09 -2.06 13.45
N PRO B 161 -23.16 -2.60 14.06
CA PRO B 161 -24.54 -2.51 13.59
C PRO B 161 -25.24 -1.18 13.93
N LYS B 162 -26.57 -1.23 13.92
CA LYS B 162 -27.38 -0.04 14.13
C LYS B 162 -27.17 0.54 15.53
N ALA B 163 -27.27 1.87 15.63
CA ALA B 163 -27.05 2.57 16.88
C ALA B 163 -28.13 3.62 17.08
N GLU B 164 -28.32 4.01 18.34
CA GLU B 164 -29.23 5.08 18.72
C GLU B 164 -28.45 6.22 19.34
N VAL B 165 -29.03 7.42 19.30
CA VAL B 165 -28.37 8.63 19.76
C VAL B 165 -29.09 9.15 21.00
N ILE B 166 -28.32 9.48 22.04
CA ILE B 166 -28.85 10.02 23.29
C ILE B 166 -28.24 11.42 23.46
N TRP B 167 -29.07 12.44 23.32
CA TRP B 167 -28.63 13.82 23.51
C TRP B 167 -28.65 14.15 24.99
N THR B 168 -27.48 14.43 25.55
CA THR B 168 -27.34 14.78 26.96
C THR B 168 -26.76 16.17 27.09
N SER B 169 -27.33 16.96 28.00
CA SER B 169 -26.82 18.30 28.24
C SER B 169 -25.51 18.25 28.99
N SER B 170 -24.92 19.42 29.22
CA SER B 170 -23.74 19.52 30.08
C SER B 170 -24.05 19.16 31.53
N ASP B 171 -25.32 19.12 31.90
CA ASP B 171 -25.75 18.65 33.21
C ASP B 171 -26.11 17.17 33.21
N HIS B 172 -25.70 16.43 32.18
CA HIS B 172 -25.91 14.99 32.08
C HIS B 172 -27.40 14.63 32.17
N GLN B 173 -28.23 15.41 31.48
CA GLN B 173 -29.67 15.19 31.45
C GLN B 173 -30.14 14.94 30.03
N VAL B 174 -31.13 14.06 29.89
CA VAL B 174 -31.53 13.55 28.59
C VAL B 174 -32.50 14.51 27.93
N LEU B 175 -32.19 14.88 26.68
CA LEU B 175 -33.07 15.68 25.85
C LEU B 175 -33.51 14.85 24.64
N SER B 176 -34.69 15.17 24.11
CA SER B 176 -35.29 14.37 23.06
C SER B 176 -34.94 14.90 21.68
N GLY B 177 -34.58 13.99 20.78
CA GLY B 177 -34.35 14.31 19.39
C GLY B 177 -35.01 13.28 18.49
N LYS B 178 -34.60 13.22 17.22
CA LYS B 178 -35.08 12.19 16.30
C LYS B 178 -33.90 11.57 15.58
N THR B 179 -33.97 10.25 15.37
CA THR B 179 -32.86 9.49 14.82
C THR B 179 -33.29 8.83 13.52
N THR B 180 -32.73 9.29 12.41
CA THR B 180 -32.92 8.68 11.10
C THR B 180 -31.74 7.76 10.80
N THR B 181 -32.04 6.51 10.45
CA THR B 181 -31.03 5.47 10.32
C THR B 181 -31.16 4.81 8.96
N THR B 182 -30.19 5.07 8.08
CA THR B 182 -30.17 4.53 6.72
C THR B 182 -28.87 3.76 6.49
N ASN B 183 -28.66 3.35 5.24
CA ASN B 183 -27.47 2.62 4.85
C ASN B 183 -26.45 3.56 4.20
N SER B 184 -25.21 3.09 4.14
CA SER B 184 -24.13 3.88 3.56
C SER B 184 -24.12 3.75 2.04
N LYS B 185 -23.67 4.81 1.38
CA LYS B 185 -23.44 4.81 -0.06
C LYS B 185 -21.97 4.60 -0.41
N ARG B 186 -21.06 5.25 0.32
CA ARG B 186 -19.64 5.06 0.07
C ARG B 186 -19.23 3.61 0.30
N GLU B 187 -19.81 2.98 1.32
CA GLU B 187 -19.54 1.59 1.67
C GLU B 187 -20.86 0.81 1.63
N GLU B 188 -20.80 -0.47 2.04
CA GLU B 188 -21.86 -1.44 1.66
C GLU B 188 -23.01 -1.50 2.66
N LYS B 189 -22.74 -1.94 3.89
CA LYS B 189 -23.78 -2.20 4.86
C LYS B 189 -23.68 -1.29 6.08
N LEU B 190 -22.68 -0.40 6.12
CA LEU B 190 -22.55 0.54 7.22
C LEU B 190 -23.83 1.34 7.39
N PHE B 191 -24.33 1.39 8.62
CA PHE B 191 -25.52 2.17 8.92
C PHE B 191 -25.15 3.63 9.13
N ASN B 192 -25.82 4.53 8.43
CA ASN B 192 -25.68 5.95 8.64
C ASN B 192 -26.75 6.40 9.63
N VAL B 193 -26.33 6.85 10.80
CA VAL B 193 -27.21 7.27 11.87
C VAL B 193 -27.12 8.78 12.00
N THR B 194 -28.26 9.46 11.91
CA THR B 194 -28.31 10.91 12.01
C THR B 194 -29.35 11.31 13.04
N SER B 195 -28.97 12.18 13.97
CA SER B 195 -29.87 12.69 14.99
C SER B 195 -29.80 14.21 15.00
N THR B 196 -30.94 14.85 15.26
CA THR B 196 -31.06 16.29 15.22
C THR B 196 -31.71 16.80 16.50
N LEU B 197 -31.14 17.87 17.05
CA LEU B 197 -31.69 18.57 18.22
C LEU B 197 -32.16 19.95 17.80
N ARG B 198 -33.38 20.30 18.19
CA ARG B 198 -33.94 21.63 17.96
C ARG B 198 -34.40 22.16 19.32
N ILE B 199 -33.50 22.83 20.04
CA ILE B 199 -33.75 23.30 21.39
C ILE B 199 -33.35 24.77 21.49
N ASN B 200 -34.17 25.56 22.19
CA ASN B 200 -33.81 26.94 22.47
C ASN B 200 -32.63 26.97 23.44
N THR B 201 -31.46 27.33 22.93
CA THR B 201 -30.23 27.44 23.70
C THR B 201 -29.57 28.77 23.40
N THR B 202 -28.43 29.04 24.04
CA THR B 202 -27.76 30.33 23.87
C THR B 202 -26.25 30.10 23.85
N THR B 203 -25.53 31.21 23.70
CA THR B 203 -24.11 31.18 23.43
C THR B 203 -23.33 30.53 24.58
N ASN B 204 -22.31 29.74 24.22
CA ASN B 204 -21.42 29.05 25.16
C ASN B 204 -22.12 27.96 25.95
N GLU B 205 -23.20 27.39 25.41
CA GLU B 205 -23.88 26.27 26.03
C GLU B 205 -23.39 24.97 25.39
N ILE B 206 -23.16 23.95 26.21
CA ILE B 206 -22.53 22.71 25.77
C ILE B 206 -23.59 21.61 25.71
N PHE B 207 -23.52 20.81 24.64
CA PHE B 207 -24.40 19.66 24.46
C PHE B 207 -23.58 18.47 23.97
N TYR B 208 -24.13 17.28 24.17
CA TYR B 208 -23.48 16.03 23.77
C TYR B 208 -24.45 15.18 22.97
N CYS B 209 -23.90 14.40 22.04
CA CYS B 209 -24.66 13.41 21.28
C CYS B 209 -23.95 12.07 21.37
N THR B 210 -24.57 11.12 22.08
CA THR B 210 -23.97 9.82 22.37
C THR B 210 -24.45 8.79 21.35
N PHE B 211 -23.52 7.97 20.86
CA PHE B 211 -23.82 6.93 19.88
C PHE B 211 -23.70 5.57 20.58
N ARG B 212 -24.84 5.06 21.04
CA ARG B 212 -24.91 3.77 21.72
C ARG B 212 -25.30 2.69 20.72
N ARG B 213 -24.41 1.73 20.49
CA ARG B 213 -24.71 0.56 19.70
C ARG B 213 -24.43 -0.69 20.52
N LEU B 214 -24.85 -1.83 20.00
CA LEU B 214 -24.68 -3.11 20.67
C LEU B 214 -23.77 -4.01 19.85
N ASP B 215 -23.37 -5.12 20.47
CA ASP B 215 -22.51 -6.14 19.88
C ASP B 215 -21.16 -5.57 19.43
N PRO B 216 -20.28 -5.15 20.35
CA PRO B 216 -20.48 -5.02 21.80
C PRO B 216 -20.87 -3.60 22.21
N GLU B 217 -20.99 -3.35 23.51
CA GLU B 217 -21.48 -2.08 24.03
C GLU B 217 -20.44 -0.99 23.80
N GLU B 218 -20.68 -0.13 22.82
CA GLU B 218 -19.79 0.98 22.49
C GLU B 218 -20.54 2.30 22.63
N ASN B 219 -19.96 3.22 23.39
CA ASN B 219 -20.50 4.56 23.55
C ASN B 219 -19.50 5.56 22.98
N HIS B 220 -19.96 6.39 22.04
CA HIS B 220 -19.14 7.44 21.45
C HIS B 220 -19.93 8.74 21.45
N THR B 221 -19.31 9.80 21.96
CA THR B 221 -20.01 11.06 22.20
C THR B 221 -19.21 12.22 21.65
N ALA B 222 -19.88 13.08 20.89
CA ALA B 222 -19.30 14.33 20.40
C ALA B 222 -19.82 15.50 21.23
N GLU B 223 -19.04 16.57 21.26
CA GLU B 223 -19.35 17.75 22.06
C GLU B 223 -19.63 18.93 21.14
N LEU B 224 -20.83 19.50 21.28
CA LEU B 224 -21.24 20.66 20.49
C LEU B 224 -21.41 21.85 21.45
N VAL B 225 -20.70 22.93 21.16
CA VAL B 225 -20.77 24.16 21.95
C VAL B 225 -21.43 25.24 21.09
N ILE B 226 -22.41 25.92 21.66
CA ILE B 226 -23.12 26.96 20.91
C ILE B 226 -22.20 28.17 20.72
N PRO B 227 -22.00 28.62 19.50
CA PRO B 227 -21.19 29.82 19.26
C PRO B 227 -21.99 31.09 19.53
N GLU B 228 -21.35 32.23 19.32
CA GLU B 228 -21.97 33.53 19.52
C GLU B 228 -22.71 33.94 18.25
N LEU B 229 -23.19 35.19 18.23
CA LEU B 229 -23.97 35.82 17.14
C LEU B 229 -24.49 34.89 16.06
N HIS C 6 11.06 -19.83 -53.38
CA HIS C 6 10.33 -20.84 -52.63
C HIS C 6 11.11 -21.33 -51.42
N MET C 7 12.40 -21.59 -51.62
CA MET C 7 13.20 -22.22 -50.57
C MET C 7 13.43 -21.31 -49.37
N SER C 8 13.22 -20.00 -49.49
CA SER C 8 13.31 -19.11 -48.35
C SER C 8 12.00 -19.03 -47.57
N THR C 9 10.86 -19.36 -48.18
CA THR C 9 9.60 -19.40 -47.44
C THR C 9 9.54 -20.62 -46.53
N LEU C 10 10.09 -21.75 -46.99
CA LEU C 10 10.27 -22.89 -46.11
C LEU C 10 11.22 -22.54 -44.96
N LYS C 11 12.31 -21.83 -45.26
CA LYS C 11 13.28 -21.48 -44.24
C LYS C 11 12.69 -20.52 -43.22
N GLU C 12 11.72 -19.69 -43.62
CA GLU C 12 11.13 -18.73 -42.69
C GLU C 12 10.16 -19.39 -41.71
N VAL C 13 9.55 -20.50 -42.10
CA VAL C 13 8.61 -21.20 -41.22
C VAL C 13 9.33 -22.22 -40.33
N GLN C 14 10.35 -22.88 -40.87
CA GLN C 14 11.04 -23.93 -40.13
C GLN C 14 11.73 -23.37 -38.89
N ASP C 15 12.42 -22.23 -39.03
CA ASP C 15 13.03 -21.61 -37.86
C ASP C 15 12.03 -20.78 -37.07
N ASN C 16 10.78 -20.71 -37.52
CA ASN C 16 9.70 -20.20 -36.68
C ASN C 16 9.10 -21.31 -35.84
N ILE C 17 9.08 -22.55 -36.33
CA ILE C 17 8.61 -23.66 -35.51
C ILE C 17 9.62 -23.96 -34.41
N THR C 18 10.92 -23.88 -34.71
CA THR C 18 11.94 -24.12 -33.70
C THR C 18 11.87 -23.09 -32.59
N LEU C 19 11.65 -21.82 -32.94
CA LEU C 19 11.47 -20.79 -31.92
C LEU C 19 10.30 -21.14 -30.99
N HIS C 20 9.27 -21.79 -31.53
CA HIS C 20 8.07 -22.08 -30.76
C HIS C 20 8.16 -23.38 -29.99
N GLU C 21 9.02 -24.30 -30.41
CA GLU C 21 9.46 -25.36 -29.51
C GLU C 21 10.50 -24.87 -28.52
N GLN C 22 11.17 -23.74 -28.84
CA GLN C 22 11.95 -23.02 -27.84
C GLN C 22 11.06 -22.21 -26.91
N ARG C 23 9.82 -21.94 -27.32
CA ARG C 23 8.85 -21.30 -26.42
C ARG C 23 8.17 -22.32 -25.51
N LEU C 24 7.93 -23.54 -26.02
CA LEU C 24 7.29 -24.56 -25.20
C LEU C 24 8.16 -24.94 -24.01
N VAL C 25 9.48 -25.03 -24.22
CA VAL C 25 10.38 -25.39 -23.13
C VAL C 25 10.41 -24.28 -22.08
N THR C 26 10.32 -23.02 -22.51
CA THR C 26 10.34 -21.89 -21.59
C THR C 26 9.06 -21.78 -20.75
N CYS C 27 8.06 -22.63 -20.98
CA CYS C 27 6.83 -22.57 -20.21
C CYS C 27 6.85 -23.47 -18.98
N ARG C 28 7.53 -24.60 -19.03
CA ARG C 28 7.82 -25.38 -17.83
C ARG C 28 9.00 -24.82 -17.05
N LYS C 29 9.66 -23.81 -17.61
CA LYS C 29 10.83 -23.19 -16.97
C LYS C 29 10.53 -22.64 -15.58
N PRO C 30 9.44 -21.90 -15.34
CA PRO C 30 9.24 -21.33 -13.99
C PRO C 30 9.18 -22.37 -12.88
N LEU C 31 8.62 -23.56 -13.15
CA LEU C 31 8.58 -24.59 -12.11
C LEU C 31 9.95 -25.18 -11.86
N LYS C 32 10.73 -25.44 -12.93
CA LYS C 32 12.05 -26.04 -12.76
C LYS C 32 12.98 -25.13 -11.97
N GLU C 33 12.80 -23.82 -12.08
CA GLU C 33 13.60 -22.86 -11.33
C GLU C 33 13.17 -22.75 -9.88
N ILE C 34 12.09 -23.44 -9.49
CA ILE C 34 11.65 -23.53 -8.11
C ILE C 34 12.15 -24.81 -7.46
N GLU C 35 12.01 -25.95 -8.14
CA GLU C 35 12.60 -27.18 -7.67
C GLU C 35 14.11 -27.05 -7.51
N ARG C 36 14.72 -26.17 -8.30
CA ARG C 36 16.14 -25.87 -8.17
C ARG C 36 16.46 -25.21 -6.83
N ALA C 37 15.60 -24.29 -6.39
CA ALA C 37 15.91 -23.41 -5.27
C ALA C 37 15.26 -23.83 -3.96
N VAL C 38 14.02 -24.31 -4.00
CA VAL C 38 13.29 -24.68 -2.78
C VAL C 38 13.25 -26.20 -2.71
N GLU C 39 13.15 -26.72 -1.48
CA GLU C 39 13.08 -28.15 -1.25
C GLU C 39 11.71 -28.64 -0.80
N PHE C 40 10.76 -27.74 -0.55
CA PHE C 40 9.40 -28.12 -0.19
C PHE C 40 8.45 -27.11 -0.83
N VAL C 41 7.65 -27.57 -1.79
CA VAL C 41 6.75 -26.71 -2.55
C VAL C 41 5.39 -26.72 -1.85
N PRO C 42 4.87 -25.56 -1.44
CA PRO C 42 3.50 -25.52 -0.92
C PRO C 42 2.49 -25.95 -1.97
N VAL C 43 1.42 -26.61 -1.52
CA VAL C 43 0.42 -27.11 -2.45
C VAL C 43 -0.27 -26.00 -3.23
N PRO C 44 -0.81 -24.95 -2.60
CA PRO C 44 -1.50 -23.92 -3.40
C PRO C 44 -0.61 -23.25 -4.44
N VAL C 45 0.67 -23.05 -4.14
CA VAL C 45 1.58 -22.45 -5.11
C VAL C 45 1.78 -23.39 -6.29
N LEU C 46 2.09 -24.66 -6.02
CA LEU C 46 2.26 -25.64 -7.09
C LEU C 46 0.96 -25.86 -7.85
N LYS C 47 -0.15 -26.03 -7.12
CA LYS C 47 -1.45 -26.21 -7.74
C LYS C 47 -1.75 -25.09 -8.73
N ASN C 48 -1.35 -23.86 -8.40
CA ASN C 48 -1.53 -22.73 -9.30
C ASN C 48 -0.59 -22.81 -10.51
N ILE C 49 0.69 -23.09 -10.26
CA ILE C 49 1.70 -22.97 -11.32
C ILE C 49 1.43 -23.96 -12.44
N LEU C 50 1.04 -25.20 -12.11
CA LEU C 50 0.77 -26.20 -13.12
C LEU C 50 -0.40 -25.80 -14.03
N GLN C 51 -1.31 -24.96 -13.54
CA GLN C 51 -2.40 -24.45 -14.38
C GLN C 51 -1.93 -23.34 -15.31
N ARG C 52 -0.92 -22.56 -14.89
CA ARG C 52 -0.33 -21.57 -15.79
C ARG C 52 0.56 -22.22 -16.83
N GLU C 53 1.22 -23.32 -16.47
CA GLU C 53 2.04 -24.05 -17.42
C GLU C 53 1.19 -24.86 -18.39
N ARG C 54 0.04 -25.36 -17.95
CA ARG C 54 -0.88 -26.03 -18.87
C ARG C 54 -1.62 -25.05 -19.76
N ALA C 55 -1.92 -23.85 -19.26
CA ALA C 55 -2.58 -22.84 -20.08
C ALA C 55 -1.70 -22.44 -21.26
N CYS C 56 -0.39 -22.35 -21.05
CA CYS C 56 0.52 -22.03 -22.15
C CYS C 56 0.68 -23.22 -23.10
N VAL C 57 0.98 -24.40 -22.55
CA VAL C 57 1.39 -25.54 -23.38
C VAL C 57 0.26 -25.95 -24.31
N SER C 58 -0.99 -25.95 -23.83
CA SER C 58 -2.12 -26.20 -24.73
C SER C 58 -2.22 -25.10 -25.79
N ALA C 59 -2.02 -23.85 -25.39
CA ALA C 59 -2.08 -22.75 -26.34
C ALA C 59 -0.95 -22.84 -27.37
N LEU C 60 0.25 -23.20 -26.92
CA LEU C 60 1.41 -23.25 -27.81
C LEU C 60 1.41 -24.50 -28.69
N GLU C 61 0.80 -25.59 -28.23
CA GLU C 61 0.63 -26.76 -29.09
C GLU C 61 -0.41 -26.50 -30.17
N THR C 62 -1.43 -25.70 -29.87
CA THR C 62 -2.35 -25.26 -30.91
C THR C 62 -1.62 -24.50 -32.01
N LYS C 63 -0.66 -23.66 -31.61
CA LYS C 63 0.06 -22.85 -32.58
C LYS C 63 1.00 -23.68 -33.45
N LEU C 64 1.59 -24.74 -32.89
CA LEU C 64 2.44 -25.63 -33.70
C LEU C 64 1.64 -26.39 -34.74
N GLY C 65 0.40 -26.77 -34.43
CA GLY C 65 -0.44 -27.39 -35.43
C GLY C 65 -0.72 -26.47 -36.60
N GLU C 66 -0.83 -25.16 -36.35
CA GLU C 66 -1.06 -24.19 -37.41
C GLU C 66 0.18 -23.96 -38.26
N LEU C 67 1.38 -24.17 -37.71
CA LEU C 67 2.62 -23.96 -38.45
C LEU C 67 3.10 -25.22 -39.16
N LYS C 68 3.04 -26.37 -38.50
CA LYS C 68 3.40 -27.62 -39.15
C LYS C 68 2.48 -27.94 -40.31
N ARG C 69 1.27 -27.38 -40.31
CA ARG C 69 0.34 -27.53 -41.43
C ARG C 69 0.73 -26.63 -42.60
N GLU C 70 1.35 -25.48 -42.32
CA GLU C 70 1.82 -24.61 -43.39
C GLU C 70 2.87 -25.30 -44.25
N LEU C 71 3.83 -25.97 -43.61
CA LEU C 71 4.92 -26.61 -44.35
C LEU C 71 4.38 -27.69 -45.29
N ALA C 72 3.42 -28.49 -44.80
CA ALA C 72 2.83 -29.52 -45.66
C ALA C 72 2.14 -28.90 -46.86
N ASP C 73 1.49 -27.75 -46.68
CA ASP C 73 0.88 -27.05 -47.81
C ASP C 73 1.93 -26.55 -48.79
N LEU C 74 3.05 -26.02 -48.28
CA LEU C 74 4.11 -25.56 -49.17
C LEU C 74 4.87 -26.73 -49.79
N ILE C 75 4.97 -27.86 -49.07
CA ILE C 75 5.54 -29.06 -49.67
C ILE C 75 4.63 -29.59 -50.77
N ALA C 76 3.33 -29.57 -50.54
CA ALA C 76 2.38 -30.01 -51.57
C ALA C 76 2.44 -29.09 -52.79
N ALA C 77 2.62 -27.79 -52.56
CA ALA C 77 2.69 -26.84 -53.67
C ALA C 77 3.90 -27.12 -54.57
N GLN C 78 5.05 -27.41 -53.97
CA GLN C 78 6.27 -27.71 -54.71
C GLN C 78 6.30 -29.15 -55.22
N LYS C 79 5.22 -29.91 -55.01
CA LYS C 79 5.04 -31.19 -55.68
C LYS C 79 4.13 -31.09 -56.90
N LEU C 80 3.11 -30.23 -56.84
CA LEU C 80 2.33 -29.94 -58.03
C LEU C 80 3.18 -29.22 -59.08
N ALA C 81 4.01 -28.27 -58.65
CA ALA C 81 4.86 -27.54 -59.58
C ALA C 81 5.86 -28.47 -60.26
N GLY C 82 6.52 -29.32 -59.48
CA GLY C 82 7.48 -30.25 -60.03
C GLY C 82 6.99 -31.69 -60.05
N HIS D 6 37.38 -30.27 -32.45
CA HIS D 6 37.73 -28.86 -32.51
C HIS D 6 36.62 -28.02 -33.12
N MET D 7 36.01 -28.54 -34.19
CA MET D 7 35.05 -27.75 -34.95
C MET D 7 33.76 -27.51 -34.19
N SER D 8 33.40 -28.38 -33.25
CA SER D 8 32.21 -28.14 -32.45
C SER D 8 32.46 -27.07 -31.38
N THR D 9 33.70 -26.91 -30.93
CA THR D 9 34.01 -25.86 -29.97
C THR D 9 33.88 -24.48 -30.61
N LEU D 10 34.34 -24.32 -31.84
CA LEU D 10 34.09 -23.08 -32.58
C LEU D 10 32.59 -22.85 -32.75
N LYS D 11 31.84 -23.92 -33.07
CA LYS D 11 30.41 -23.80 -33.28
C LYS D 11 29.68 -23.42 -31.99
N GLU D 12 30.21 -23.80 -30.83
CA GLU D 12 29.54 -23.49 -29.58
C GLU D 12 29.76 -22.04 -29.14
N VAL D 13 30.85 -21.42 -29.58
CA VAL D 13 31.11 -20.02 -29.25
C VAL D 13 30.48 -19.09 -30.29
N GLN D 14 30.49 -19.49 -31.56
CA GLN D 14 30.00 -18.63 -32.63
C GLN D 14 28.51 -18.35 -32.48
N ASP D 15 27.72 -19.35 -32.12
CA ASP D 15 26.29 -19.14 -31.86
C ASP D 15 26.03 -18.69 -30.43
N ASN D 16 27.09 -18.42 -29.66
CA ASN D 16 26.97 -17.71 -28.39
C ASN D 16 27.26 -16.23 -28.54
N ILE D 17 28.03 -15.83 -29.55
CA ILE D 17 28.22 -14.42 -29.85
C ILE D 17 26.99 -13.86 -30.58
N THR D 18 26.39 -14.66 -31.45
CA THR D 18 25.15 -14.24 -32.09
C THR D 18 24.04 -14.05 -31.07
N LEU D 19 23.98 -14.90 -30.05
CA LEU D 19 23.01 -14.74 -28.99
C LEU D 19 23.21 -13.41 -28.28
N HIS D 20 24.47 -13.06 -27.99
CA HIS D 20 24.74 -11.81 -27.29
C HIS D 20 24.45 -10.60 -28.16
N GLU D 21 24.79 -10.67 -29.46
CA GLU D 21 24.34 -9.63 -30.38
C GLU D 21 22.83 -9.63 -30.52
N GLN D 22 22.18 -10.77 -30.26
CA GLN D 22 20.74 -10.79 -30.08
C GLN D 22 20.33 -10.22 -28.73
N ARG D 23 21.23 -10.23 -27.74
CA ARG D 23 20.96 -9.59 -26.45
C ARG D 23 21.20 -8.09 -26.50
N LEU D 24 22.19 -7.65 -27.28
CA LEU D 24 22.45 -6.20 -27.40
C LEU D 24 21.26 -5.48 -28.02
N VAL D 25 20.65 -6.08 -29.04
CA VAL D 25 19.49 -5.46 -29.67
C VAL D 25 18.30 -5.40 -28.72
N THR D 26 18.15 -6.40 -27.85
CA THR D 26 17.05 -6.40 -26.89
C THR D 26 17.22 -5.37 -25.78
N CYS D 27 18.36 -4.67 -25.73
CA CYS D 27 18.58 -3.69 -24.67
C CYS D 27 18.09 -2.30 -25.05
N ARG D 28 18.18 -1.92 -26.32
CA ARG D 28 17.49 -0.73 -26.79
C ARG D 28 16.01 -0.98 -27.07
N LYS D 29 15.57 -2.24 -26.97
CA LYS D 29 14.18 -2.60 -27.20
C LYS D 29 13.17 -1.82 -26.36
N PRO D 30 13.36 -1.64 -25.04
CA PRO D 30 12.31 -0.97 -24.25
C PRO D 30 12.01 0.44 -24.73
N LEU D 31 13.02 1.17 -25.22
CA LEU D 31 12.77 2.54 -25.68
C LEU D 31 11.98 2.54 -26.98
N LYS D 32 12.35 1.68 -27.94
CA LYS D 32 11.65 1.62 -29.21
C LYS D 32 10.19 1.25 -29.03
N GLU D 33 9.86 0.49 -27.99
CA GLU D 33 8.48 0.13 -27.71
C GLU D 33 7.71 1.26 -27.03
N ILE D 34 8.39 2.35 -26.68
CA ILE D 34 7.72 3.54 -26.17
C ILE D 34 7.47 4.53 -27.29
N GLU D 35 8.48 4.78 -28.12
CA GLU D 35 8.29 5.61 -29.31
C GLU D 35 7.19 5.05 -30.21
N ARG D 36 7.00 3.73 -30.16
CA ARG D 36 5.92 3.10 -30.91
C ARG D 36 4.55 3.52 -30.37
N ALA D 37 4.43 3.63 -29.05
CA ALA D 37 3.14 3.78 -28.38
C ALA D 37 2.80 5.21 -27.99
N VAL D 38 3.77 5.96 -27.48
CA VAL D 38 3.55 7.33 -27.01
C VAL D 38 4.13 8.29 -28.05
N GLU D 39 3.57 9.51 -28.08
CA GLU D 39 4.04 10.54 -29.00
C GLU D 39 4.83 11.66 -28.31
N PHE D 40 4.82 11.72 -26.98
CA PHE D 40 5.60 12.71 -26.24
C PHE D 40 6.21 12.03 -25.01
N VAL D 41 7.53 11.96 -24.97
CA VAL D 41 8.25 11.27 -23.92
C VAL D 41 8.62 12.30 -22.84
N PRO D 42 8.16 12.13 -21.60
CA PRO D 42 8.62 13.01 -20.51
C PRO D 42 10.13 12.91 -20.32
N VAL D 43 10.74 14.04 -19.97
CA VAL D 43 12.20 14.09 -19.83
C VAL D 43 12.72 13.15 -18.74
N PRO D 44 12.20 13.17 -17.52
CA PRO D 44 12.72 12.23 -16.51
C PRO D 44 12.57 10.77 -16.88
N VAL D 45 11.48 10.39 -17.54
CA VAL D 45 11.32 9.01 -17.98
C VAL D 45 12.30 8.68 -19.11
N LEU D 46 12.57 9.63 -20.00
CA LEU D 46 13.61 9.44 -21.02
C LEU D 46 15.00 9.42 -20.38
N LYS D 47 15.24 10.35 -19.46
CA LYS D 47 16.58 10.53 -18.90
C LYS D 47 17.05 9.29 -18.16
N ASN D 48 16.14 8.55 -17.54
CA ASN D 48 16.50 7.33 -16.83
C ASN D 48 16.64 6.12 -17.74
N ILE D 49 15.81 6.01 -18.78
CA ILE D 49 15.80 4.81 -19.62
C ILE D 49 17.11 4.67 -20.38
N LEU D 50 17.62 5.77 -20.94
CA LEU D 50 18.89 5.72 -21.65
C LEU D 50 20.03 5.30 -20.72
N GLN D 51 19.92 5.61 -19.43
CA GLN D 51 20.97 5.20 -18.48
C GLN D 51 20.95 3.70 -18.24
N ARG D 52 19.76 3.08 -18.21
CA ARG D 52 19.70 1.62 -18.16
C ARG D 52 20.12 1.02 -19.49
N GLU D 53 19.73 1.66 -20.60
CA GLU D 53 20.12 1.16 -21.91
C GLU D 53 21.62 1.30 -22.14
N ARG D 54 22.27 2.26 -21.46
CA ARG D 54 23.71 2.38 -21.52
C ARG D 54 24.41 1.49 -20.49
N ALA D 55 23.76 1.22 -19.36
CA ALA D 55 24.33 0.30 -18.39
C ALA D 55 24.44 -1.11 -18.96
N CYS D 56 23.46 -1.52 -19.76
CA CYS D 56 23.52 -2.84 -20.38
C CYS D 56 24.54 -2.87 -21.52
N VAL D 57 24.43 -1.92 -22.45
CA VAL D 57 25.18 -2.01 -23.70
C VAL D 57 26.67 -2.02 -23.44
N SER D 58 27.15 -1.17 -22.52
CA SER D 58 28.55 -1.22 -22.14
C SER D 58 28.89 -2.56 -21.50
N ALA D 59 27.99 -3.08 -20.66
CA ALA D 59 28.22 -4.39 -20.05
C ALA D 59 28.20 -5.50 -21.08
N LEU D 60 27.27 -5.43 -22.04
CA LEU D 60 27.20 -6.46 -23.08
C LEU D 60 28.36 -6.34 -24.07
N GLU D 61 28.84 -5.11 -24.32
CA GLU D 61 30.00 -4.95 -25.19
C GLU D 61 31.27 -5.47 -24.52
N THR D 62 31.32 -5.43 -23.18
CA THR D 62 32.44 -6.06 -22.47
C THR D 62 32.45 -7.57 -22.69
N LYS D 63 31.27 -8.19 -22.65
CA LYS D 63 31.18 -9.64 -22.83
C LYS D 63 31.64 -10.06 -24.22
N LEU D 64 31.25 -9.30 -25.26
CA LEU D 64 31.65 -9.64 -26.62
C LEU D 64 33.15 -9.58 -26.80
N GLY D 65 33.84 -8.68 -26.09
CA GLY D 65 35.29 -8.66 -26.14
C GLY D 65 35.90 -9.97 -25.67
N GLU D 66 35.35 -10.53 -24.60
CA GLU D 66 35.87 -11.76 -24.02
C GLU D 66 35.44 -13.01 -24.79
N LEU D 67 34.45 -12.92 -25.66
CA LEU D 67 34.05 -14.01 -26.54
C LEU D 67 34.72 -13.96 -27.91
N LYS D 68 34.78 -12.78 -28.52
CA LYS D 68 35.50 -12.63 -29.78
C LYS D 68 37.00 -12.86 -29.59
N ARG D 69 37.50 -12.73 -28.37
CA ARG D 69 38.90 -13.07 -28.08
C ARG D 69 39.11 -14.57 -28.02
N GLU D 70 38.10 -15.32 -27.56
CA GLU D 70 38.22 -16.78 -27.49
C GLU D 70 38.42 -17.38 -28.87
N LEU D 71 37.64 -16.93 -29.86
CA LEU D 71 37.72 -17.50 -31.19
C LEU D 71 39.10 -17.29 -31.79
N ALA D 72 39.70 -16.11 -31.58
CA ALA D 72 41.06 -15.86 -32.07
C ALA D 72 42.05 -16.81 -31.42
N ASP D 73 41.87 -17.09 -30.13
CA ASP D 73 42.74 -18.06 -29.46
C ASP D 73 42.55 -19.46 -30.05
N LEU D 74 41.31 -19.85 -30.30
CA LEU D 74 41.05 -21.17 -30.89
C LEU D 74 41.48 -21.22 -32.36
N ILE D 75 41.42 -20.09 -33.06
CA ILE D 75 41.92 -20.05 -34.42
C ILE D 75 43.45 -20.17 -34.44
N ALA D 76 44.11 -19.52 -33.48
CA ALA D 76 45.56 -19.63 -33.38
C ALA D 76 45.97 -21.05 -33.01
N ALA D 77 45.19 -21.72 -32.16
CA ALA D 77 45.51 -23.09 -31.76
C ALA D 77 45.47 -24.04 -32.96
N GLN D 78 44.49 -23.87 -33.84
CA GLN D 78 44.38 -24.72 -35.02
C GLN D 78 45.30 -24.25 -36.14
N LYS D 79 46.09 -23.20 -35.92
CA LYS D 79 47.19 -22.87 -36.83
C LYS D 79 48.52 -23.42 -36.37
N LEU D 80 48.74 -23.55 -35.06
CA LEU D 80 49.91 -24.26 -34.57
C LEU D 80 49.81 -25.74 -34.84
N ALA D 81 48.61 -26.31 -34.71
CA ALA D 81 48.42 -27.74 -34.96
C ALA D 81 48.67 -28.06 -36.44
N GLY D 82 48.08 -27.28 -37.34
CA GLY D 82 48.26 -27.51 -38.77
C GLY D 82 49.06 -26.42 -39.46
#